data_6TYZ
#
_entry.id   6TYZ
#
_cell.length_a   43.807
_cell.length_b   71.189
_cell.length_c   79.527
_cell.angle_alpha   90.000
_cell.angle_beta   90.000
_cell.angle_gamma   90.000
#
_symmetry.space_group_name_H-M   'P 21 21 21'
#
loop_
_entity.id
_entity.type
_entity.pdbx_description
1 polymer 'X-ray repair cross-complementing protein 5'
2 polymer GLU-ARG-LYS-ARG-ILE-LEU-PRO-THR-TRP-MET-LEU-ALA
3 non-polymer 1,2-ETHANEDIOL
4 water water
#
loop_
_entity_poly.entity_id
_entity_poly.type
_entity_poly.pdbx_seq_one_letter_code
_entity_poly.pdbx_strand_id
1 'polypeptide(L)'
;MHHHHHHMARAAKSAVVLCMDVGLAMSHSNQGKESPFEQAKKVMMLFLQRQVFAESKDEIAVVLYGTDTTDNALAREDQY
ENISVHRHLMLPDFDLLEQIENVVEPGSVQADFLDALIVSMDLLQKETLGKKYTRLHIAVFSDLSSPFSVDQLEVIIANL
KKAEITLQFFLPFSVDEGSGPGKGLSDQQKEGIEMVRKIMFSLDGEEGLSEVFTFRDSLERLSIFKKIERR
;
A
2 'polypeptide(L)' LAERKRILPTWMLAEH B
#
loop_
_chem_comp.id
_chem_comp.type
_chem_comp.name
_chem_comp.formula
EDO non-polymer 1,2-ETHANEDIOL 'C2 H6 O2'
#
# COMPACT_ATOMS: atom_id res chain seq x y z
N LYS A 13 -9.12 16.80 8.66
CA LYS A 13 -9.04 15.34 8.51
C LYS A 13 -8.33 14.95 7.22
N SER A 14 -7.55 13.88 7.29
CA SER A 14 -6.94 13.30 6.10
C SER A 14 -7.61 11.96 5.78
N ALA A 15 -7.41 11.54 4.54
CA ALA A 15 -7.88 10.26 4.04
C ALA A 15 -6.64 9.43 3.72
N VAL A 16 -6.50 8.29 4.37
CA VAL A 16 -5.32 7.45 4.26
C VAL A 16 -5.74 6.05 3.82
N VAL A 17 -5.04 5.50 2.83
CA VAL A 17 -5.15 4.07 2.50
C VAL A 17 -3.88 3.39 2.97
N LEU A 18 -4.02 2.39 3.83
CA LEU A 18 -2.93 1.45 4.11
C LEU A 18 -3.03 0.33 3.07
N CYS A 19 -2.02 0.23 2.23
CA CYS A 19 -2.01 -0.71 1.10
C CYS A 19 -0.93 -1.72 1.43
N MET A 20 -1.36 -2.89 1.89
N MET A 20 -1.36 -2.87 1.97
CA MET A 20 -0.50 -3.86 2.56
CA MET A 20 -0.47 -3.85 2.58
C MET A 20 -0.32 -5.10 1.72
C MET A 20 -0.31 -5.08 1.69
N ASP A 21 0.94 -5.43 1.42
CA ASP A 21 1.30 -6.69 0.77
C ASP A 21 1.16 -7.82 1.78
N VAL A 22 0.28 -8.77 1.51
CA VAL A 22 0.15 -9.99 2.32
C VAL A 22 0.53 -11.22 1.51
N GLY A 23 1.25 -11.03 0.42
CA GLY A 23 1.67 -12.14 -0.43
C GLY A 23 2.59 -13.12 0.30
N LEU A 24 2.74 -14.27 -0.34
CA LEU A 24 3.37 -15.41 0.31
C LEU A 24 4.78 -15.08 0.79
N ALA A 25 5.56 -14.31 0.01
CA ALA A 25 6.93 -14.02 0.42
C ALA A 25 7.00 -13.24 1.73
N MET A 26 5.95 -12.47 2.04
CA MET A 26 5.94 -11.71 3.27
C MET A 26 5.94 -12.58 4.52
N SER A 27 5.51 -13.85 4.38
CA SER A 27 5.43 -14.79 5.50
C SER A 27 6.76 -15.44 5.83
N HIS A 28 7.79 -15.26 5.01
CA HIS A 28 9.05 -15.95 5.26
C HIS A 28 9.78 -15.27 6.40
N SER A 29 10.03 -16.02 7.48
CA SER A 29 10.60 -15.45 8.70
C SER A 29 12.08 -15.78 8.79
N ASN A 30 12.90 -14.80 8.44
CA ASN A 30 14.34 -14.97 8.54
C ASN A 30 15.07 -13.72 9.02
N GLN A 31 14.36 -12.72 9.52
CA GLN A 31 14.98 -11.53 10.11
C GLN A 31 14.36 -11.36 11.49
N GLY A 32 15.18 -11.42 12.52
CA GLY A 32 14.64 -11.24 13.86
C GLY A 32 13.55 -12.26 14.19
N LYS A 33 12.60 -11.83 15.01
CA LYS A 33 11.56 -12.70 15.56
C LYS A 33 10.28 -12.71 14.75
N GLU A 34 10.10 -11.73 13.85
CA GLU A 34 8.85 -11.55 13.13
C GLU A 34 9.11 -11.51 11.63
N SER A 35 8.25 -12.16 10.87
CA SER A 35 8.29 -12.04 9.43
C SER A 35 7.90 -10.63 8.99
N PRO A 36 8.19 -10.27 7.74
CA PRO A 36 7.69 -8.98 7.25
C PRO A 36 6.19 -8.83 7.39
N PHE A 37 5.42 -9.90 7.15
CA PHE A 37 3.97 -9.82 7.35
C PHE A 37 3.64 -9.47 8.78
N GLU A 38 4.25 -10.16 9.73
CA GLU A 38 3.94 -9.89 11.13
C GLU A 38 4.36 -8.48 11.52
N GLN A 39 5.51 -8.04 11.04
CA GLN A 39 5.96 -6.68 11.34
C GLN A 39 5.00 -5.64 10.79
N ALA A 40 4.55 -5.83 9.54
CA ALA A 40 3.68 -4.84 8.92
C ALA A 40 2.33 -4.81 9.62
N LYS A 41 1.81 -5.99 9.98
CA LYS A 41 0.56 -6.02 10.72
C LYS A 41 0.70 -5.31 12.05
N LYS A 42 1.83 -5.47 12.71
CA LYS A 42 2.03 -4.83 14.01
C LYS A 42 2.03 -3.31 13.86
N VAL A 43 2.75 -2.80 12.87
CA VAL A 43 2.75 -1.36 12.62
C VAL A 43 1.33 -0.88 12.34
N MET A 44 0.61 -1.60 11.49
N MET A 44 0.60 -1.61 11.52
CA MET A 44 -0.75 -1.21 11.18
CA MET A 44 -0.76 -1.19 11.18
C MET A 44 -1.59 -1.14 12.45
C MET A 44 -1.65 -1.16 12.42
N MET A 45 -1.49 -2.16 13.29
CA MET A 45 -2.28 -2.18 14.52
C MET A 45 -1.88 -1.03 15.44
N LEU A 46 -0.58 -0.76 15.58
CA LEU A 46 -0.15 0.32 16.47
C LEU A 46 -0.65 1.67 15.94
N PHE A 47 -0.56 1.88 14.62
CA PHE A 47 -1.05 3.10 14.02
C PHE A 47 -2.53 3.26 14.26
N LEU A 48 -3.31 2.22 13.97
CA LEU A 48 -4.75 2.30 14.15
C LEU A 48 -5.10 2.54 15.61
N GLN A 49 -4.39 1.89 16.53
CA GLN A 49 -4.62 2.13 17.96
C GLN A 49 -4.35 3.58 18.32
N ARG A 50 -3.24 4.13 17.85
CA ARG A 50 -2.95 5.55 18.09
C ARG A 50 -4.12 6.41 17.61
N GLN A 51 -4.60 6.14 16.40
CA GLN A 51 -5.67 6.96 15.83
C GLN A 51 -6.95 6.84 16.62
N VAL A 52 -7.28 5.62 17.06
CA VAL A 52 -8.50 5.41 17.83
C VAL A 52 -8.40 6.12 19.18
N PHE A 53 -7.32 5.84 19.92
CA PHE A 53 -7.18 6.42 21.26
C PHE A 53 -7.11 7.93 21.22
N ALA A 54 -6.55 8.50 20.15
CA ALA A 54 -6.47 9.95 20.02
C ALA A 54 -7.77 10.57 19.54
N GLU A 55 -8.76 9.75 19.18
CA GLU A 55 -10.02 10.27 18.60
C GLU A 55 -9.74 11.13 17.37
N SER A 56 -8.73 10.76 16.59
CA SER A 56 -8.45 11.44 15.34
C SER A 56 -9.66 11.37 14.43
N LYS A 57 -9.85 12.41 13.63
CA LYS A 57 -10.92 12.39 12.64
C LYS A 57 -10.45 11.90 11.28
N ASP A 58 -9.19 11.51 11.13
CA ASP A 58 -8.73 10.97 9.86
C ASP A 58 -9.50 9.70 9.52
N GLU A 59 -9.76 9.49 8.24
CA GLU A 59 -10.41 8.29 7.75
C GLU A 59 -9.35 7.39 7.16
N ILE A 60 -9.44 6.10 7.45
CA ILE A 60 -8.38 5.13 7.16
CA ILE A 60 -8.38 5.14 7.15
C ILE A 60 -8.99 3.92 6.49
N ALA A 61 -8.59 3.66 5.26
CA ALA A 61 -8.96 2.45 4.53
C ALA A 61 -7.80 1.46 4.56
N VAL A 62 -8.11 0.19 4.33
CA VAL A 62 -7.11 -0.88 4.28
C VAL A 62 -7.36 -1.70 3.02
N VAL A 63 -6.34 -1.76 2.16
CA VAL A 63 -6.36 -2.57 0.95
C VAL A 63 -5.26 -3.59 1.11
N LEU A 64 -5.57 -4.86 0.89
CA LEU A 64 -4.62 -5.95 0.99
C LEU A 64 -4.36 -6.51 -0.40
N TYR A 65 -3.10 -6.79 -0.72
CA TYR A 65 -2.82 -7.41 -2.01
C TYR A 65 -1.93 -8.62 -1.81
N GLY A 66 -2.21 -9.66 -2.58
CA GLY A 66 -1.67 -10.98 -2.33
C GLY A 66 -2.66 -11.86 -1.60
N THR A 67 -3.91 -11.46 -1.50
CA THR A 67 -4.91 -12.26 -0.83
C THR A 67 -5.41 -13.37 -1.75
N ASP A 68 -5.84 -14.48 -1.14
CA ASP A 68 -6.26 -15.63 -1.90
C ASP A 68 -7.55 -15.35 -2.65
N THR A 69 -8.45 -14.59 -2.04
CA THR A 69 -9.68 -14.18 -2.68
C THR A 69 -9.50 -12.77 -3.21
N THR A 70 -10.47 -12.34 -4.02
CA THR A 70 -10.42 -11.05 -4.68
C THR A 70 -11.69 -10.31 -4.30
N ASP A 71 -11.57 -9.04 -3.92
CA ASP A 71 -12.77 -8.27 -3.52
C ASP A 71 -12.45 -6.78 -3.73
N ASN A 72 -12.70 -6.29 -4.94
CA ASN A 72 -12.50 -4.89 -5.22
C ASN A 72 -13.34 -4.51 -6.44
N ALA A 73 -13.58 -3.21 -6.59
CA ALA A 73 -14.53 -2.74 -7.59
C ALA A 73 -14.04 -2.92 -9.01
N LEU A 74 -12.73 -3.06 -9.21
CA LEU A 74 -12.14 -3.15 -10.54
C LEU A 74 -11.94 -4.57 -11.00
N ALA A 75 -12.19 -5.56 -10.13
CA ALA A 75 -11.87 -6.95 -10.45
C ALA A 75 -12.74 -7.47 -11.57
N ARG A 76 -12.10 -8.06 -12.57
CA ARG A 76 -12.79 -8.79 -13.63
C ARG A 76 -11.77 -9.76 -14.19
N GLU A 77 -12.21 -10.57 -15.15
CA GLU A 77 -11.35 -11.58 -15.76
C GLU A 77 -9.93 -11.04 -15.98
N ASP A 78 -8.96 -11.57 -15.24
CA ASP A 78 -7.54 -11.25 -15.40
C ASP A 78 -7.18 -9.83 -15.00
N GLN A 79 -8.04 -9.12 -14.26
CA GLN A 79 -7.76 -7.76 -13.87
C GLN A 79 -7.91 -7.57 -12.36
N TYR A 80 -6.93 -6.90 -11.77
CA TYR A 80 -6.94 -6.53 -10.34
C TYR A 80 -7.22 -7.74 -9.47
N GLU A 81 -6.56 -8.84 -9.79
CA GLU A 81 -6.75 -10.09 -9.07
C GLU A 81 -5.99 -10.08 -7.75
N ASN A 82 -6.56 -10.75 -6.75
CA ASN A 82 -5.89 -11.03 -5.47
C ASN A 82 -5.62 -9.75 -4.69
N ILE A 83 -6.56 -8.82 -4.83
CA ILE A 83 -6.58 -7.56 -4.12
C ILE A 83 -7.92 -7.42 -3.45
N SER A 84 -7.92 -7.12 -2.16
CA SER A 84 -9.12 -7.10 -1.35
C SER A 84 -9.21 -5.81 -0.56
N VAL A 85 -10.37 -5.15 -0.62
CA VAL A 85 -10.62 -3.97 0.19
C VAL A 85 -11.17 -4.46 1.53
N HIS A 86 -10.29 -4.46 2.53
CA HIS A 86 -10.65 -4.95 3.85
C HIS A 86 -11.38 -3.91 4.68
N ARG A 87 -11.10 -2.62 4.48
CA ARG A 87 -11.75 -1.54 5.20
C ARG A 87 -11.88 -0.36 4.26
N HIS A 88 -13.10 0.19 4.17
CA HIS A 88 -13.32 1.36 3.35
C HIS A 88 -12.93 2.63 4.12
N LEU A 89 -13.07 3.77 3.45
CA LEU A 89 -12.57 5.03 3.99
C LEU A 89 -13.53 5.52 5.07
N MET A 90 -13.17 5.26 6.33
CA MET A 90 -14.04 5.49 7.47
C MET A 90 -13.17 5.81 8.67
N LEU A 91 -13.78 6.37 9.71
CA LEU A 91 -13.05 6.45 10.97
C LEU A 91 -12.69 5.05 11.44
N PRO A 92 -11.51 4.83 12.02
CA PRO A 92 -11.19 3.52 12.57
C PRO A 92 -11.92 3.28 13.89
N ASP A 93 -12.01 2.02 14.28
CA ASP A 93 -12.73 1.64 15.49
C ASP A 93 -12.13 0.37 16.08
N PHE A 94 -12.65 -0.06 17.24
CA PHE A 94 -12.14 -1.28 17.86
C PHE A 94 -12.58 -2.52 17.12
N ASP A 95 -13.74 -2.49 16.48
CA ASP A 95 -14.10 -3.59 15.60
C ASP A 95 -13.04 -3.79 14.53
N LEU A 96 -12.54 -2.70 13.96
CA LEU A 96 -11.47 -2.81 12.97
C LEU A 96 -10.21 -3.40 13.59
N LEU A 97 -9.85 -2.91 14.78
CA LEU A 97 -8.69 -3.48 15.46
C LEU A 97 -8.90 -4.97 15.67
N GLU A 98 -10.04 -5.36 16.24
CA GLU A 98 -10.31 -6.78 16.42
C GLU A 98 -10.33 -7.48 15.07
N GLN A 99 -10.94 -6.86 14.06
CA GLN A 99 -11.05 -7.50 12.76
C GLN A 99 -9.67 -7.72 12.15
N ILE A 100 -8.78 -6.73 12.26
CA ILE A 100 -7.44 -6.88 11.68
C ILE A 100 -6.65 -7.93 12.44
N GLU A 101 -6.68 -7.88 13.76
CA GLU A 101 -5.84 -8.76 14.56
C GLU A 101 -6.15 -10.23 14.30
N ASN A 102 -7.43 -10.57 14.13
CA ASN A 102 -7.83 -11.97 14.07
C ASN A 102 -8.12 -12.46 12.66
N VAL A 103 -8.43 -11.59 11.72
CA VAL A 103 -8.80 -12.00 10.37
C VAL A 103 -7.62 -11.94 9.41
N VAL A 104 -6.88 -10.83 9.41
CA VAL A 104 -5.89 -10.58 8.36
C VAL A 104 -4.77 -11.60 8.50
N GLU A 105 -4.64 -12.45 7.51
CA GLU A 105 -3.72 -13.57 7.52
C GLU A 105 -2.84 -13.48 6.30
N PRO A 106 -1.73 -14.20 6.29
CA PRO A 106 -0.91 -14.23 5.09
C PRO A 106 -1.67 -14.86 3.93
N GLY A 107 -1.46 -14.31 2.74
CA GLY A 107 -1.96 -14.91 1.53
C GLY A 107 -1.05 -16.01 1.03
N SER A 108 -1.53 -16.75 0.04
CA SER A 108 -0.74 -17.85 -0.55
C SER A 108 -0.41 -17.56 -2.00
N VAL A 109 -0.60 -16.32 -2.44
CA VAL A 109 -0.33 -15.90 -3.80
C VAL A 109 0.44 -14.58 -3.75
N GLN A 110 0.69 -14.02 -4.92
CA GLN A 110 1.33 -12.73 -5.02
C GLN A 110 0.38 -11.85 -5.84
N ALA A 111 0.56 -10.54 -5.76
CA ALA A 111 -0.24 -9.67 -6.60
C ALA A 111 0.59 -8.49 -7.06
N ASP A 112 0.03 -7.79 -8.03
CA ASP A 112 0.69 -6.68 -8.72
C ASP A 112 0.49 -5.39 -7.92
N PHE A 113 1.57 -4.81 -7.40
CA PHE A 113 1.43 -3.68 -6.49
C PHE A 113 0.88 -2.45 -7.20
N LEU A 114 1.12 -2.31 -8.51
CA LEU A 114 0.54 -1.17 -9.19
C LEU A 114 -0.97 -1.35 -9.42
N ASP A 115 -1.44 -2.59 -9.60
CA ASP A 115 -2.88 -2.84 -9.51
C ASP A 115 -3.42 -2.46 -8.14
N ALA A 116 -2.69 -2.80 -7.07
CA ALA A 116 -3.18 -2.47 -5.74
C ALA A 116 -3.21 -0.96 -5.53
N LEU A 117 -2.24 -0.25 -6.10
CA LEU A 117 -2.19 1.19 -6.04
C LEU A 117 -3.39 1.79 -6.74
N ILE A 118 -3.74 1.25 -7.91
CA ILE A 118 -4.89 1.74 -8.66
C ILE A 118 -6.19 1.51 -7.86
N VAL A 119 -6.35 0.31 -7.28
CA VAL A 119 -7.54 0.06 -6.46
C VAL A 119 -7.62 1.06 -5.33
N SER A 120 -6.47 1.37 -4.70
CA SER A 120 -6.42 2.33 -3.60
C SER A 120 -6.79 3.73 -4.08
N MET A 121 -6.29 4.12 -5.26
CA MET A 121 -6.62 5.41 -5.84
C MET A 121 -8.10 5.52 -6.16
N ASP A 122 -8.67 4.47 -6.77
CA ASP A 122 -10.09 4.43 -7.09
C ASP A 122 -10.94 4.53 -5.84
N LEU A 123 -10.53 3.86 -4.75
CA LEU A 123 -11.22 3.94 -3.47
C LEU A 123 -11.25 5.36 -2.95
N LEU A 124 -10.10 6.03 -2.97
CA LEU A 124 -10.04 7.44 -2.56
C LEU A 124 -10.89 8.31 -3.48
N GLN A 125 -10.77 8.12 -4.80
CA GLN A 125 -11.51 8.96 -5.74
C GLN A 125 -13.01 8.88 -5.45
N LYS A 126 -13.53 7.68 -5.24
CA LYS A 126 -14.97 7.54 -5.03
C LYS A 126 -15.37 8.03 -3.65
N GLU A 127 -14.64 7.60 -2.62
CA GLU A 127 -15.15 7.75 -1.27
C GLU A 127 -14.82 9.09 -0.63
N THR A 128 -14.00 9.92 -1.30
CA THR A 128 -13.81 11.31 -0.88
C THR A 128 -14.69 12.28 -1.64
N LEU A 129 -15.55 11.80 -2.53
CA LEU A 129 -16.38 12.71 -3.34
C LEU A 129 -17.17 13.67 -2.46
N GLY A 130 -17.07 14.95 -2.80
CA GLY A 130 -17.87 15.98 -2.16
C GLY A 130 -17.43 16.35 -0.77
N LYS A 131 -16.32 15.83 -0.26
CA LYS A 131 -15.86 16.15 1.08
C LYS A 131 -14.48 16.79 1.00
N LYS A 132 -14.10 17.47 2.07
CA LYS A 132 -12.86 18.23 2.14
C LYS A 132 -11.88 17.52 3.06
N TYR A 133 -10.66 17.31 2.55
CA TYR A 133 -9.60 16.68 3.29
C TYR A 133 -8.36 17.56 3.25
N THR A 134 -7.55 17.46 4.29
CA THR A 134 -6.27 18.17 4.30
C THR A 134 -5.29 17.50 3.34
N ARG A 135 -5.28 16.17 3.31
CA ARG A 135 -4.44 15.45 2.37
C ARG A 135 -5.08 14.11 2.07
N LEU A 136 -4.72 13.58 0.91
CA LEU A 136 -5.04 12.22 0.51
C LEU A 136 -3.73 11.45 0.47
N HIS A 137 -3.71 10.28 1.10
CA HIS A 137 -2.44 9.59 1.33
C HIS A 137 -2.59 8.09 1.10
N ILE A 138 -1.59 7.50 0.44
CA ILE A 138 -1.50 6.05 0.29
C ILE A 138 -0.15 5.62 0.83
N ALA A 139 -0.17 4.69 1.78
CA ALA A 139 1.04 4.13 2.38
C ALA A 139 1.11 2.66 1.99
N VAL A 140 2.17 2.29 1.28
CA VAL A 140 2.37 0.94 0.78
C VAL A 140 3.38 0.22 1.67
N PHE A 141 3.03 -0.97 2.11
CA PHE A 141 3.94 -1.82 2.88
C PHE A 141 4.21 -3.09 2.09
N SER A 142 5.48 -3.36 1.77
CA SER A 142 5.77 -4.47 0.88
C SER A 142 7.25 -4.81 0.91
N ASP A 143 7.55 -6.07 0.60
CA ASP A 143 8.92 -6.48 0.36
C ASP A 143 9.29 -6.46 -1.13
N LEU A 144 8.37 -6.06 -2.00
CA LEU A 144 8.61 -5.90 -3.45
C LEU A 144 9.12 -7.19 -4.11
N SER A 145 8.76 -8.35 -3.56
N SER A 145 8.71 -8.34 -3.57
CA SER A 145 9.22 -9.61 -4.13
CA SER A 145 9.08 -9.63 -4.16
C SER A 145 8.40 -10.06 -5.33
C SER A 145 8.26 -10.00 -5.39
N SER A 146 7.28 -9.40 -5.63
N SER A 146 7.04 -9.38 -5.57
CA SER A 146 6.34 -9.91 -6.62
CA SER A 146 6.12 -9.82 -6.61
C SER A 146 6.42 -9.14 -7.93
C SER A 146 6.40 -9.12 -7.94
N PRO A 147 6.20 -9.82 -9.07
CA PRO A 147 6.21 -9.13 -10.37
C PRO A 147 5.09 -8.09 -10.47
N PHE A 148 5.29 -7.14 -11.38
CA PHE A 148 4.31 -6.12 -11.69
C PHE A 148 4.43 -5.69 -13.14
N SER A 149 3.34 -5.18 -13.67
CA SER A 149 3.29 -4.57 -14.99
C SER A 149 3.36 -3.06 -14.88
N VAL A 150 4.12 -2.43 -15.75
CA VAL A 150 4.18 -0.97 -15.81
C VAL A 150 3.21 -0.39 -16.85
N ASP A 151 2.34 -1.21 -17.41
CA ASP A 151 1.42 -0.71 -18.42
C ASP A 151 0.62 0.48 -17.88
N GLN A 152 0.67 1.59 -18.64
CA GLN A 152 -0.06 2.81 -18.31
C GLN A 152 0.38 3.44 -16.98
N LEU A 153 1.58 3.11 -16.50
CA LEU A 153 2.09 3.77 -15.31
C LEU A 153 2.10 5.28 -15.46
N GLU A 154 2.36 5.80 -16.67
CA GLU A 154 2.34 7.25 -16.86
C GLU A 154 0.97 7.85 -16.53
N VAL A 155 -0.10 7.08 -16.73
CA VAL A 155 -1.45 7.55 -16.39
C VAL A 155 -1.69 7.47 -14.89
N ILE A 156 -1.19 6.41 -14.24
CA ILE A 156 -1.25 6.32 -12.78
C ILE A 156 -0.61 7.55 -12.17
N ILE A 157 0.60 7.89 -12.62
CA ILE A 157 1.32 9.04 -12.07
C ILE A 157 0.55 10.32 -12.36
N ALA A 158 0.04 10.48 -13.58
CA ALA A 158 -0.72 11.67 -13.89
C ALA A 158 -1.89 11.85 -12.95
N ASN A 159 -2.55 10.75 -12.61
CA ASN A 159 -3.72 10.83 -11.74
C ASN A 159 -3.33 11.04 -10.27
N LEU A 160 -2.22 10.44 -9.82
CA LEU A 160 -1.71 10.78 -8.50
C LEU A 160 -1.47 12.28 -8.37
N LYS A 161 -0.89 12.90 -9.39
CA LYS A 161 -0.66 14.34 -9.36
C LYS A 161 -1.97 15.10 -9.38
N LYS A 162 -2.86 14.74 -10.28
CA LYS A 162 -4.11 15.48 -10.43
C LYS A 162 -4.91 15.47 -9.14
N ALA A 163 -4.99 14.33 -8.48
CA ALA A 163 -5.71 14.20 -7.23
C ALA A 163 -4.90 14.68 -6.03
N GLU A 164 -3.64 15.06 -6.23
CA GLU A 164 -2.78 15.53 -5.15
C GLU A 164 -2.62 14.46 -4.06
N ILE A 165 -2.42 13.21 -4.46
CA ILE A 165 -2.23 12.12 -3.51
C ILE A 165 -0.76 12.01 -3.18
N THR A 166 -0.44 11.93 -1.90
CA THR A 166 0.92 11.68 -1.46
C THR A 166 1.10 10.19 -1.21
N LEU A 167 2.28 9.71 -1.56
CA LEU A 167 2.59 8.30 -1.55
C LEU A 167 3.78 8.09 -0.64
N GLN A 168 3.73 7.03 0.18
CA GLN A 168 4.86 6.60 0.99
C GLN A 168 5.04 5.11 0.80
N PHE A 169 6.29 4.68 0.69
CA PHE A 169 6.61 3.26 0.58
C PHE A 169 7.39 2.84 1.80
N PHE A 170 6.99 1.71 2.39
CA PHE A 170 7.66 1.12 3.55
C PHE A 170 8.07 -0.29 3.19
N LEU A 171 9.35 -0.59 3.40
CA LEU A 171 9.99 -1.87 3.05
C LEU A 171 10.67 -2.46 4.29
N PRO A 172 10.74 -3.81 4.37
CA PRO A 172 11.34 -4.44 5.54
C PRO A 172 12.84 -4.53 5.43
N PHE A 173 13.46 -3.55 4.76
CA PHE A 173 14.90 -3.51 4.61
C PHE A 173 15.27 -2.11 4.15
N SER A 174 16.52 -1.74 4.37
CA SER A 174 17.01 -0.46 3.90
C SER A 174 17.43 -0.56 2.44
N VAL A 175 17.31 0.55 1.72
CA VAL A 175 17.75 0.56 0.33
C VAL A 175 18.86 1.58 0.12
N ASP A 176 19.66 1.82 1.16
CA ASP A 176 20.85 2.65 1.03
C ASP A 176 22.09 1.86 1.43
N GLY A 180 27.61 -1.58 5.21
CA GLY A 180 27.11 -2.84 5.74
C GLY A 180 26.92 -3.90 4.67
N PRO A 181 26.61 -5.12 5.10
CA PRO A 181 26.41 -6.21 4.14
C PRO A 181 25.18 -6.00 3.26
N GLY A 182 25.27 -6.51 2.04
CA GLY A 182 24.09 -6.67 1.23
C GLY A 182 23.12 -7.65 1.84
N LYS A 183 21.84 -7.51 1.47
CA LYS A 183 20.78 -8.22 2.15
C LYS A 183 20.16 -9.33 1.29
N GLY A 184 20.84 -9.77 0.25
CA GLY A 184 20.31 -10.84 -0.56
C GLY A 184 19.00 -10.51 -1.26
N LEU A 185 18.86 -9.30 -1.78
CA LEU A 185 17.63 -8.93 -2.48
C LEU A 185 17.61 -9.57 -3.87
N SER A 186 16.45 -10.08 -4.26
CA SER A 186 16.31 -10.66 -5.59
C SER A 186 16.32 -9.58 -6.66
N ASP A 187 16.54 -10.00 -7.90
CA ASP A 187 16.44 -9.07 -9.03
C ASP A 187 15.07 -8.42 -9.07
N GLN A 188 14.01 -9.19 -8.76
CA GLN A 188 12.67 -8.62 -8.76
C GLN A 188 12.54 -7.53 -7.70
N GLN A 189 13.11 -7.76 -6.51
CA GLN A 189 13.06 -6.74 -5.47
C GLN A 189 13.85 -5.50 -5.90
N LYS A 190 15.00 -5.70 -6.55
CA LYS A 190 15.77 -4.56 -7.01
C LYS A 190 15.03 -3.80 -8.09
N GLU A 191 14.32 -4.52 -8.97
CA GLU A 191 13.48 -3.85 -9.97
C GLU A 191 12.35 -3.08 -9.32
N GLY A 192 11.75 -3.65 -8.27
CA GLY A 192 10.69 -2.95 -7.55
C GLY A 192 11.21 -1.70 -6.88
N ILE A 193 12.39 -1.78 -6.26
CA ILE A 193 13.00 -0.62 -5.63
C ILE A 193 13.22 0.49 -6.65
N GLU A 194 13.78 0.13 -7.81
CA GLU A 194 14.01 1.13 -8.85
C GLU A 194 12.70 1.74 -9.34
N MET A 195 11.66 0.93 -9.49
CA MET A 195 10.37 1.47 -9.93
C MET A 195 9.78 2.41 -8.89
N VAL A 196 9.87 2.04 -7.61
CA VAL A 196 9.47 2.95 -6.53
C VAL A 196 10.22 4.26 -6.64
N ARG A 197 11.53 4.19 -6.87
CA ARG A 197 12.31 5.42 -7.03
C ARG A 197 11.84 6.22 -8.24
N LYS A 198 11.54 5.55 -9.36
CA LYS A 198 11.05 6.25 -10.53
C LYS A 198 9.73 6.95 -10.24
N ILE A 199 8.84 6.27 -9.50
CA ILE A 199 7.52 6.85 -9.20
C ILE A 199 7.68 8.05 -8.28
N MET A 200 8.45 7.89 -7.19
CA MET A 200 8.58 8.99 -6.24
C MET A 200 9.32 10.17 -6.84
N PHE A 201 10.31 9.91 -7.69
CA PHE A 201 10.96 11.03 -8.36
C PHE A 201 9.99 11.72 -9.32
N SER A 202 9.15 10.95 -10.01
CA SER A 202 8.15 11.53 -10.90
C SER A 202 7.20 12.44 -10.12
N LEU A 203 6.87 12.08 -8.88
CA LEU A 203 5.91 12.86 -8.10
C LEU A 203 6.58 14.07 -7.44
N ASP A 204 7.78 13.90 -6.88
CA ASP A 204 8.35 14.92 -6.01
C ASP A 204 9.84 15.15 -6.22
N GLY A 205 10.39 14.73 -7.36
CA GLY A 205 11.79 15.02 -7.64
C GLY A 205 12.71 14.32 -6.66
N GLU A 206 13.82 14.97 -6.32
CA GLU A 206 14.74 14.41 -5.34
C GLU A 206 14.06 14.24 -3.98
N GLU A 207 13.33 15.26 -3.53
CA GLU A 207 12.65 15.18 -2.25
C GLU A 207 11.70 13.98 -2.17
N GLY A 208 11.21 13.52 -3.32
CA GLY A 208 10.28 12.40 -3.31
C GLY A 208 10.95 11.08 -2.95
N LEU A 209 12.18 10.88 -3.42
CA LEU A 209 12.92 9.67 -3.04
C LEU A 209 13.04 9.54 -1.53
N SER A 210 13.04 10.66 -0.80
CA SER A 210 13.12 10.61 0.66
C SER A 210 11.87 10.02 1.30
N GLU A 211 10.81 9.77 0.53
CA GLU A 211 9.58 9.18 1.05
C GLU A 211 9.61 7.65 1.06
N VAL A 212 10.80 7.04 0.99
CA VAL A 212 10.97 5.59 0.97
C VAL A 212 11.68 5.16 2.24
N PHE A 213 10.98 4.36 3.04
CA PHE A 213 11.36 4.12 4.42
C PHE A 213 11.36 2.64 4.72
N THR A 214 11.81 2.34 5.93
CA THR A 214 11.85 0.97 6.42
C THR A 214 10.66 0.71 7.32
N PHE A 215 10.36 -0.57 7.50
CA PHE A 215 9.36 -0.94 8.50
C PHE A 215 9.74 -0.36 9.87
N ARG A 216 11.03 -0.39 10.19
CA ARG A 216 11.49 0.10 11.50
C ARG A 216 11.10 1.55 11.73
N ASP A 217 11.05 2.35 10.67
CA ASP A 217 10.74 3.77 10.79
C ASP A 217 9.29 4.09 10.46
N SER A 218 8.49 3.09 10.10
CA SER A 218 7.22 3.36 9.43
C SER A 218 6.18 3.97 10.37
N LEU A 219 6.09 3.48 11.60
CA LEU A 219 5.04 3.97 12.51
C LEU A 219 5.14 5.47 12.70
N GLU A 220 6.35 5.99 12.91
CA GLU A 220 6.49 7.42 13.11
C GLU A 220 6.33 8.21 11.80
N ARG A 221 6.75 7.64 10.67
CA ARG A 221 6.60 8.37 9.41
C ARG A 221 5.13 8.47 8.99
N LEU A 222 4.31 7.46 9.31
CA LEU A 222 2.88 7.55 9.06
C LEU A 222 2.29 8.75 9.80
N SER A 223 2.56 8.87 11.10
CA SER A 223 2.01 9.92 11.93
C SER A 223 2.55 11.31 11.59
N ILE A 224 3.41 11.42 10.59
CA ILE A 224 3.88 12.73 10.12
C ILE A 224 3.16 13.07 8.82
N GLU B 3 4.31 -7.00 -22.15
CA GLU B 3 3.89 -6.47 -20.85
C GLU B 3 2.40 -6.74 -20.66
N ARG B 4 2.01 -7.14 -19.46
CA ARG B 4 0.60 -7.41 -19.18
C ARG B 4 -0.20 -6.13 -19.27
N LYS B 5 -1.24 -6.13 -20.08
CA LYS B 5 -2.07 -4.94 -20.22
C LYS B 5 -3.10 -4.90 -19.09
N ARG B 6 -3.25 -3.73 -18.51
CA ARG B 6 -4.34 -3.49 -17.58
C ARG B 6 -5.34 -2.54 -18.20
N ILE B 7 -6.53 -2.55 -17.62
CA ILE B 7 -7.63 -1.69 -18.03
C ILE B 7 -7.86 -0.74 -16.87
N LEU B 8 -7.60 0.55 -17.09
CA LEU B 8 -7.81 1.51 -16.02
C LEU B 8 -9.28 1.90 -15.95
N PRO B 9 -9.76 2.25 -14.76
CA PRO B 9 -11.12 2.77 -14.67
C PRO B 9 -11.28 4.07 -15.45
N THR B 10 -12.49 4.24 -15.99
CA THR B 10 -12.78 5.35 -16.88
C THR B 10 -12.37 6.70 -16.29
N TRP B 11 -12.60 6.92 -15.00
CA TRP B 11 -12.31 8.23 -14.44
C TRP B 11 -10.83 8.58 -14.59
N MET B 12 -9.96 7.58 -14.62
CA MET B 12 -8.54 7.86 -14.77
C MET B 12 -8.16 8.26 -16.19
N LEU B 13 -9.02 8.01 -17.16
CA LEU B 13 -8.73 8.29 -18.56
C LEU B 13 -9.36 9.60 -19.02
N ALA B 14 -10.05 10.29 -18.13
CA ALA B 14 -10.73 11.55 -18.47
C ALA B 14 -9.73 12.60 -18.94
C1 EDO C . -14.26 2.07 -4.45
O1 EDO C . -14.68 2.08 -5.82
C2 EDO C . -15.19 1.19 -3.60
O2 EDO C . -14.97 -0.20 -3.87
H11 EDO C . -14.27 3.08 -4.05
H12 EDO C . -13.24 1.69 -4.38
HO1 EDO C . -14.08 2.64 -6.33
H21 EDO C . -15.01 1.39 -2.54
H22 EDO C . -16.22 1.44 -3.83
HO2 EDO C . -15.57 -0.73 -3.33
C1 EDO D . -9.89 12.73 -5.46
O1 EDO D . -8.93 11.68 -5.55
C2 EDO D . -9.30 14.05 -5.92
O2 EDO D . -8.45 14.58 -4.90
H11 EDO D . -10.76 12.47 -6.09
H12 EDO D . -10.25 12.82 -4.43
HO1 EDO D . -9.32 10.84 -5.26
H21 EDO D . -10.10 14.76 -6.12
H22 EDO D . -8.72 13.90 -6.83
HO2 EDO D . -8.07 15.42 -5.20
#